data_5VR2
#
_entry.id   5VR2
#
_cell.length_a   85.129
_cell.length_b   48.746
_cell.length_c   55.798
_cell.angle_alpha   90.00
_cell.angle_beta   105.97
_cell.angle_gamma   90.00
#
_symmetry.space_group_name_H-M   'C 1 2 1'
#
loop_
_entity.id
_entity.type
_entity.pdbx_description
1 polymer Myocilin
2 water water
#
_entity_poly.entity_id   1
_entity_poly.type   'polypeptide(L)'
_entity_poly.pdbx_seq_one_letter_code
;RDLEAAYNNLLRDKSALEEEKRQLEQENEDLARRLESSSEEVTRLRRGQC
;
_entity_poly.pdbx_strand_id   A,B,C,D
#
# COMPACT_ATOMS: atom_id res chain seq x y z
N ARG A 1 16.77 -17.98 31.77
CA ARG A 1 16.11 -18.18 30.48
C ARG A 1 16.50 -17.14 29.44
N ASP A 2 17.53 -17.44 28.65
CA ASP A 2 17.78 -16.67 27.43
C ASP A 2 17.01 -17.37 26.30
N LEU A 3 17.54 -18.50 25.84
CA LEU A 3 16.91 -19.23 24.75
C LEU A 3 15.49 -19.66 25.11
N GLU A 4 15.31 -20.22 26.31
CA GLU A 4 13.99 -20.69 26.72
C GLU A 4 12.99 -19.53 26.72
N ALA A 5 13.39 -18.35 27.23
CA ALA A 5 12.50 -17.20 27.21
C ALA A 5 12.26 -16.70 25.78
N ALA A 6 13.31 -16.67 24.96
CA ALA A 6 13.12 -16.26 23.56
C ALA A 6 12.15 -17.20 22.84
N TYR A 7 12.30 -18.50 23.06
CA TYR A 7 11.39 -19.45 22.43
C TYR A 7 9.95 -19.18 22.85
N ASN A 8 9.71 -19.00 24.15
CA ASN A 8 8.35 -18.82 24.62
C ASN A 8 7.77 -17.48 24.15
N ASN A 9 8.60 -16.45 24.00
CA ASN A 9 8.11 -15.20 23.40
C ASN A 9 7.63 -15.42 21.97
N LEU A 10 8.36 -16.25 21.22
CA LEU A 10 7.96 -16.55 19.84
C LEU A 10 6.68 -17.37 19.80
N LEU A 11 6.56 -18.37 20.69
CA LEU A 11 5.30 -19.09 20.80
C LEU A 11 4.13 -18.11 20.97
N ARG A 12 4.31 -17.12 21.85
CA ARG A 12 3.28 -16.10 22.06
C ARG A 12 3.04 -15.28 20.80
N ASP A 13 4.11 -14.79 20.17
CA ASP A 13 3.95 -14.00 18.94
C ASP A 13 3.19 -14.78 17.87
N LYS A 14 3.56 -16.04 17.65
CA LYS A 14 2.88 -16.84 16.64
C LYS A 14 1.40 -16.95 16.93
N SER A 15 1.04 -17.28 18.17
CA SER A 15 -0.36 -17.42 18.54
C SER A 15 -1.13 -16.12 18.32
N ALA A 16 -0.49 -14.98 18.62
CA ALA A 16 -1.14 -13.68 18.40
C ALA A 16 -1.27 -13.38 16.91
N LEU A 17 -0.25 -13.73 16.12
CA LEU A 17 -0.31 -13.48 14.68
C LEU A 17 -1.39 -14.32 14.00
N GLU A 18 -1.53 -15.58 14.42
CA GLU A 18 -2.56 -16.42 13.84
C GLU A 18 -3.94 -15.82 14.09
N GLU A 19 -4.17 -15.31 15.29
CA GLU A 19 -5.46 -14.70 15.61
C GLU A 19 -5.65 -13.38 14.85
N GLU A 20 -4.59 -12.58 14.69
CA GLU A 20 -4.72 -11.36 13.91
C GLU A 20 -4.97 -11.65 12.44
N LYS A 21 -4.37 -12.72 11.91
CA LYS A 21 -4.64 -13.07 10.51
C LYS A 21 -6.09 -13.50 10.32
N ARG A 22 -6.62 -14.32 11.23
CA ARG A 22 -8.02 -14.70 11.12
C ARG A 22 -8.95 -13.49 11.21
N GLN A 23 -8.68 -12.58 12.16
CA GLN A 23 -9.48 -11.35 12.23
C GLN A 23 -9.40 -10.56 10.92
N LEU A 24 -8.20 -10.42 10.36
CA LEU A 24 -8.05 -9.67 9.11
C LEU A 24 -8.80 -10.33 7.96
N GLU A 25 -8.77 -11.66 7.90
CA GLU A 25 -9.51 -12.38 6.86
C GLU A 25 -11.02 -12.15 6.98
N GLN A 26 -11.54 -12.20 8.20
CA GLN A 26 -12.93 -11.86 8.46
C GLN A 26 -13.26 -10.45 7.97
N GLU A 27 -12.43 -9.46 8.34
CA GLU A 27 -12.75 -8.09 7.93
C GLU A 27 -12.59 -7.91 6.42
N ASN A 28 -11.66 -8.63 5.80
CA ASN A 28 -11.52 -8.62 4.34
C ASN A 28 -12.81 -9.04 3.65
N GLU A 29 -13.43 -10.12 4.14
CA GLU A 29 -14.66 -10.63 3.53
C GLU A 29 -15.81 -9.67 3.75
N ASP A 30 -15.91 -9.08 4.95
CA ASP A 30 -16.94 -8.10 5.26
C ASP A 30 -16.80 -6.85 4.41
N LEU A 31 -15.58 -6.34 4.26
CA LEU A 31 -15.38 -5.16 3.41
C LEU A 31 -15.79 -5.44 1.96
N ALA A 32 -15.39 -6.59 1.42
CA ALA A 32 -15.73 -6.93 0.03
C ALA A 32 -17.23 -6.99 -0.15
N ARG A 33 -17.94 -7.59 0.81
CA ARG A 33 -19.40 -7.67 0.75
C ARG A 33 -20.03 -6.27 0.75
N ARG A 34 -19.60 -5.42 1.68
CA ARG A 34 -20.15 -4.07 1.76
C ARG A 34 -19.81 -3.28 0.50
N LEU A 35 -18.61 -3.49 -0.03
CA LEU A 35 -18.24 -2.78 -1.26
C LEU A 35 -19.10 -3.23 -2.43
N GLU A 36 -19.40 -4.53 -2.51
CA GLU A 36 -20.26 -5.03 -3.58
C GLU A 36 -21.67 -4.45 -3.47
N SER A 37 -22.22 -4.42 -2.25
CA SER A 37 -23.53 -3.81 -2.05
C SER A 37 -23.53 -2.34 -2.46
N SER A 38 -22.51 -1.59 -2.04
CA SER A 38 -22.44 -0.17 -2.41
C SER A 38 -22.39 -0.02 -3.93
N SER A 39 -21.54 -0.79 -4.60
CA SER A 39 -21.41 -0.67 -6.05
C SER A 39 -22.73 -0.94 -6.75
N GLU A 40 -23.52 -1.91 -6.26
CA GLU A 40 -24.82 -2.16 -6.87
C GLU A 40 -25.78 -0.99 -6.66
N GLU A 41 -25.66 -0.30 -5.52
CA GLU A 41 -26.52 0.87 -5.28
C GLU A 41 -26.12 2.01 -6.20
N VAL A 42 -24.83 2.21 -6.43
CA VAL A 42 -24.40 3.21 -7.40
C VAL A 42 -24.98 2.88 -8.78
N THR A 43 -24.96 1.61 -9.15
CA THR A 43 -25.48 1.22 -10.45
C THR A 43 -26.97 1.52 -10.56
N ARG A 44 -27.75 1.18 -9.53
CA ARG A 44 -29.17 1.50 -9.54
C ARG A 44 -29.37 3.01 -9.68
N LEU A 45 -28.62 3.80 -8.91
CA LEU A 45 -28.82 5.25 -8.92
C LEU A 45 -28.49 5.83 -10.29
N ARG A 46 -27.42 5.33 -10.92
CA ARG A 46 -27.05 5.86 -12.23
C ARG A 46 -28.09 5.53 -13.31
N ARG A 47 -28.92 4.50 -13.12
CA ARG A 47 -30.02 4.23 -14.03
C ARG A 47 -31.36 4.78 -13.52
N GLY A 48 -31.34 5.69 -12.56
CA GLY A 48 -32.54 6.39 -12.14
C GLY A 48 -33.39 5.68 -11.10
N GLN A 49 -32.87 4.65 -10.44
CA GLN A 49 -33.64 3.92 -9.44
C GLN A 49 -33.18 4.36 -8.06
N CYS A 50 -34.00 5.16 -7.40
CA CYS A 50 -33.71 5.66 -6.05
C CYS A 50 -34.11 4.66 -4.97
N ARG B 1 19.72 -30.24 17.02
CA ARG B 1 19.71 -28.84 17.44
C ARG B 1 18.50 -28.49 18.30
N ASP B 2 17.76 -29.52 18.73
CA ASP B 2 16.41 -29.46 19.30
C ASP B 2 15.89 -28.06 19.60
N LEU B 3 16.21 -27.50 20.78
CA LEU B 3 15.58 -26.24 21.17
C LEU B 3 16.02 -25.10 20.26
N GLU B 4 17.31 -25.00 19.97
CA GLU B 4 17.79 -24.06 18.96
C GLU B 4 17.02 -24.22 17.66
N ALA B 5 16.92 -25.45 17.15
CA ALA B 5 16.23 -25.70 15.89
C ALA B 5 14.78 -25.29 15.98
N ALA B 6 14.09 -25.68 17.06
CA ALA B 6 12.68 -25.33 17.22
C ALA B 6 12.47 -23.82 17.25
N TYR B 7 13.38 -23.10 17.90
CA TYR B 7 13.35 -21.65 17.86
C TYR B 7 13.50 -21.14 16.43
N ASN B 8 14.49 -21.66 15.70
CA ASN B 8 14.70 -21.17 14.34
C ASN B 8 13.54 -21.52 13.43
N ASN B 9 12.86 -22.65 13.68
CA ASN B 9 11.68 -22.98 12.89
C ASN B 9 10.52 -22.04 13.21
N LEU B 10 10.46 -21.56 14.44
CA LEU B 10 9.41 -20.61 14.80
C LEU B 10 9.70 -19.23 14.23
N LEU B 11 10.97 -18.79 14.25
CA LEU B 11 11.35 -17.56 13.56
C LEU B 11 10.88 -17.59 12.09
N ARG B 12 11.09 -18.72 11.41
CA ARG B 12 10.68 -18.81 10.01
C ARG B 12 9.17 -18.72 9.86
N ASP B 13 8.41 -19.42 10.71
CA ASP B 13 6.94 -19.31 10.66
C ASP B 13 6.46 -17.90 10.94
N LYS B 14 7.07 -17.23 11.94
CA LYS B 14 6.65 -15.89 12.30
C LYS B 14 6.85 -14.93 11.13
N SER B 15 7.98 -15.07 10.42
CA SER B 15 8.22 -14.24 9.25
C SER B 15 7.17 -14.50 8.18
N ALA B 16 6.78 -15.76 7.99
CA ALA B 16 5.74 -16.09 7.03
C ALA B 16 4.41 -15.45 7.41
N LEU B 17 4.02 -15.59 8.69
CA LEU B 17 2.75 -14.98 9.11
C LEU B 17 2.80 -13.45 9.03
N GLU B 18 3.93 -12.86 9.40
CA GLU B 18 4.03 -11.40 9.33
C GLU B 18 3.81 -10.89 7.91
N GLU B 19 4.33 -11.62 6.93
CA GLU B 19 4.12 -11.25 5.53
C GLU B 19 2.67 -11.40 5.13
N GLU B 20 2.03 -12.51 5.52
CA GLU B 20 0.60 -12.64 5.22
C GLU B 20 -0.19 -11.52 5.86
N LYS B 21 0.13 -11.18 7.11
CA LYS B 21 -0.55 -10.08 7.78
C LYS B 21 -0.34 -8.77 7.02
N ARG B 22 0.88 -8.53 6.54
CA ARG B 22 1.16 -7.30 5.80
C ARG B 22 0.33 -7.22 4.53
N GLN B 23 0.20 -8.35 3.82
CA GLN B 23 -0.63 -8.37 2.61
C GLN B 23 -2.09 -8.08 2.95
N LEU B 24 -2.63 -8.73 3.99
CA LEU B 24 -4.03 -8.51 4.34
C LEU B 24 -4.27 -7.07 4.78
N GLU B 25 -3.34 -6.48 5.55
CA GLU B 25 -3.52 -5.08 5.94
C GLU B 25 -3.57 -4.17 4.72
N GLN B 26 -2.64 -4.36 3.78
CA GLN B 26 -2.63 -3.54 2.58
C GLN B 26 -3.92 -3.71 1.79
N GLU B 27 -4.40 -4.95 1.66
CA GLU B 27 -5.63 -5.19 0.89
C GLU B 27 -6.86 -4.67 1.62
N ASN B 28 -6.90 -4.81 2.95
CA ASN B 28 -8.07 -4.31 3.69
C ASN B 28 -8.16 -2.80 3.69
N GLU B 29 -7.01 -2.13 3.79
CA GLU B 29 -7.06 -0.67 3.75
C GLU B 29 -7.48 -0.18 2.36
N ASP B 30 -7.08 -0.89 1.30
CA ASP B 30 -7.56 -0.54 -0.03
C ASP B 30 -9.06 -0.75 -0.12
N LEU B 31 -9.57 -1.88 0.37
CA LEU B 31 -11.01 -2.11 0.34
C LEU B 31 -11.75 -1.07 1.17
N ALA B 32 -11.23 -0.72 2.34
CA ALA B 32 -11.88 0.27 3.19
C ALA B 32 -11.96 1.63 2.51
N ARG B 33 -10.89 2.04 1.81
CA ARG B 33 -10.92 3.31 1.09
C ARG B 33 -11.92 3.27 -0.06
N ARG B 34 -11.95 2.16 -0.81
CA ARG B 34 -12.84 2.07 -1.95
C ARG B 34 -14.30 2.04 -1.50
N LEU B 35 -14.57 1.37 -0.37
CA LEU B 35 -15.91 1.41 0.19
C LEU B 35 -16.34 2.84 0.56
N GLU B 36 -15.48 3.57 1.28
CA GLU B 36 -15.85 4.93 1.67
C GLU B 36 -16.04 5.81 0.44
N SER B 37 -15.22 5.60 -0.60
CA SER B 37 -15.43 6.35 -1.84
C SER B 37 -16.75 5.99 -2.49
N SER B 38 -17.11 4.70 -2.51
CA SER B 38 -18.40 4.31 -3.05
C SER B 38 -19.55 4.87 -2.22
N SER B 39 -19.43 4.81 -0.89
CA SER B 39 -20.47 5.38 -0.05
C SER B 39 -20.67 6.87 -0.33
N GLU B 40 -19.56 7.62 -0.47
CA GLU B 40 -19.70 9.04 -0.75
C GLU B 40 -20.37 9.28 -2.10
N GLU B 41 -20.09 8.42 -3.08
CA GLU B 41 -20.76 8.54 -4.38
C GLU B 41 -22.25 8.28 -4.24
N VAL B 42 -22.63 7.29 -3.43
CA VAL B 42 -24.06 7.01 -3.21
C VAL B 42 -24.76 8.25 -2.64
N THR B 43 -24.23 8.82 -1.56
CA THR B 43 -24.91 9.97 -0.96
C THR B 43 -24.90 11.17 -1.88
N ARG B 44 -23.82 11.37 -2.66
CA ARG B 44 -23.81 12.47 -3.61
C ARG B 44 -24.90 12.30 -4.64
N LEU B 45 -25.01 11.09 -5.21
CA LEU B 45 -26.04 10.85 -6.21
C LEU B 45 -27.42 11.04 -5.61
N ARG B 46 -27.64 10.51 -4.41
CA ARG B 46 -28.96 10.60 -3.81
C ARG B 46 -29.32 12.05 -3.51
N ARG B 47 -28.36 12.85 -3.04
CA ARG B 47 -28.63 14.27 -2.80
C ARG B 47 -29.12 14.96 -4.06
N GLY B 48 -28.57 14.58 -5.21
CA GLY B 48 -28.97 15.25 -6.44
C GLY B 48 -30.19 14.65 -7.14
N GLN B 49 -30.51 13.38 -6.85
CA GLN B 49 -31.52 12.65 -7.60
C GLN B 49 -32.73 12.27 -6.80
N CYS B 50 -32.58 12.05 -5.51
CA CYS B 50 -33.66 11.47 -4.72
C CYS B 50 -34.19 12.47 -3.69
N ARG C 1 29.90 -16.10 -23.14
CA ARG C 1 28.64 -16.05 -23.88
C ARG C 1 28.13 -14.61 -23.96
N ASP C 2 28.79 -13.82 -24.80
CA ASP C 2 28.66 -12.37 -24.75
C ASP C 2 27.21 -11.92 -24.79
N LEU C 3 26.46 -12.30 -25.82
CA LEU C 3 25.07 -11.83 -25.91
C LEU C 3 24.18 -12.54 -24.90
N GLU C 4 24.39 -13.86 -24.72
CA GLU C 4 23.62 -14.62 -23.75
C GLU C 4 23.78 -14.06 -22.34
N ALA C 5 25.01 -13.70 -21.96
CA ALA C 5 25.23 -13.16 -20.62
C ALA C 5 24.64 -11.76 -20.47
N ALA C 6 24.81 -10.90 -21.48
CA ALA C 6 24.23 -9.56 -21.42
C ALA C 6 22.72 -9.62 -21.29
N TYR C 7 22.08 -10.61 -21.92
CA TYR C 7 20.65 -10.81 -21.74
C TYR C 7 20.32 -11.16 -20.29
N ASN C 8 21.02 -12.16 -19.74
CA ASN C 8 20.75 -12.55 -18.36
C ASN C 8 21.02 -11.39 -17.41
N ASN C 9 22.07 -10.61 -17.67
CA ASN C 9 22.37 -9.47 -16.81
C ASN C 9 21.25 -8.43 -16.87
N LEU C 10 20.72 -8.18 -18.07
CA LEU C 10 19.66 -7.20 -18.22
C LEU C 10 18.38 -7.67 -17.55
N LEU C 11 18.06 -8.96 -17.68
CA LEU C 11 16.82 -9.48 -17.14
C LEU C 11 16.77 -9.29 -15.62
N ARG C 12 17.86 -9.63 -14.95
CA ARG C 12 17.95 -9.37 -13.51
C ARG C 12 17.76 -7.89 -13.24
N ASP C 13 18.44 -7.03 -13.99
CA ASP C 13 18.30 -5.59 -13.78
C ASP C 13 16.86 -5.14 -13.98
N LYS C 14 16.17 -5.73 -14.96
CA LYS C 14 14.78 -5.35 -15.22
C LYS C 14 13.87 -5.74 -14.07
N SER C 15 14.03 -6.96 -13.56
CA SER C 15 13.25 -7.39 -12.40
C SER C 15 13.43 -6.44 -11.23
N ALA C 16 14.66 -5.96 -11.03
CA ALA C 16 14.92 -5.03 -9.92
C ALA C 16 14.21 -3.70 -10.13
N LEU C 17 14.24 -3.19 -11.36
CA LEU C 17 13.55 -1.94 -11.67
C LEU C 17 12.07 -2.06 -11.41
N GLU C 18 11.44 -3.13 -11.91
CA GLU C 18 10.00 -3.31 -11.74
C GLU C 18 9.62 -3.30 -10.26
N GLU C 19 10.47 -3.86 -9.41
CA GLU C 19 10.21 -3.84 -7.97
C GLU C 19 10.28 -2.43 -7.43
N GLU C 20 11.32 -1.69 -7.83
CA GLU C 20 11.41 -0.29 -7.45
C GLU C 20 10.19 0.49 -7.91
N LYS C 21 9.77 0.29 -9.16
CA LYS C 21 8.60 0.97 -9.70
C LYS C 21 7.36 0.67 -8.86
N ARG C 22 7.17 -0.60 -8.50
CA ARG C 22 6.01 -0.96 -7.69
C ARG C 22 6.07 -0.30 -6.31
N GLN C 23 7.25 -0.25 -5.71
CA GLN C 23 7.42 0.42 -4.42
C GLN C 23 7.06 1.89 -4.50
N LEU C 24 7.54 2.56 -5.55
CA LEU C 24 7.28 3.98 -5.72
C LEU C 24 5.80 4.26 -5.97
N GLU C 25 5.12 3.39 -6.71
CA GLU C 25 3.70 3.59 -6.94
C GLU C 25 2.93 3.57 -5.63
N GLN C 26 3.19 2.56 -4.79
CA GLN C 26 2.44 2.49 -3.54
C GLN C 26 2.84 3.61 -2.60
N GLU C 27 4.12 4.00 -2.61
CA GLU C 27 4.56 5.07 -1.72
C GLU C 27 3.97 6.42 -2.15
N ASN C 28 3.93 6.68 -3.47
CA ASN C 28 3.35 7.93 -3.97
C ASN C 28 1.85 8.01 -3.69
N GLU C 29 1.13 6.90 -3.83
CA GLU C 29 -0.29 6.95 -3.50
C GLU C 29 -0.49 7.18 -2.02
N ASP C 30 0.33 6.55 -1.17
CA ASP C 30 0.23 6.80 0.26
C ASP C 30 0.52 8.27 0.59
N LEU C 31 1.54 8.85 -0.04
CA LEU C 31 1.87 10.25 0.23
C LEU C 31 0.79 11.17 -0.29
N ALA C 32 0.24 10.89 -1.47
CA ALA C 32 -0.88 11.67 -1.97
C ALA C 32 -2.06 11.66 -0.99
N ARG C 33 -2.38 10.50 -0.42
CA ARG C 33 -3.49 10.46 0.52
C ARG C 33 -3.15 11.22 1.80
N ARG C 34 -1.91 11.11 2.28
CA ARG C 34 -1.56 11.80 3.51
C ARG C 34 -1.51 13.31 3.29
N LEU C 35 -1.12 13.75 2.10
CA LEU C 35 -1.11 15.18 1.79
C LEU C 35 -2.51 15.76 1.79
N GLU C 36 -3.46 15.04 1.19
CA GLU C 36 -4.83 15.54 1.16
C GLU C 36 -5.41 15.59 2.56
N SER C 37 -5.09 14.62 3.41
N SER C 37 -5.08 14.62 3.42
CA SER C 37 -5.57 14.66 4.78
CA SER C 37 -5.56 14.64 4.78
C SER C 37 -4.97 15.83 5.55
C SER C 37 -4.95 15.79 5.57
N SER C 38 -3.70 16.14 5.28
CA SER C 38 -3.07 17.28 5.95
C SER C 38 -3.67 18.59 5.46
N SER C 39 -3.95 18.70 4.16
CA SER C 39 -4.54 19.93 3.63
C SER C 39 -5.94 20.14 4.18
N GLU C 40 -6.71 19.06 4.37
CA GLU C 40 -8.03 19.18 4.98
C GLU C 40 -7.91 19.62 6.44
N GLU C 41 -6.88 19.15 7.14
CA GLU C 41 -6.62 19.62 8.49
C GLU C 41 -6.30 21.12 8.50
N VAL C 42 -5.48 21.58 7.54
CA VAL C 42 -5.16 23.01 7.44
C VAL C 42 -6.44 23.82 7.28
N THR C 43 -7.36 23.37 6.43
CA THR C 43 -8.65 24.03 6.29
C THR C 43 -9.43 24.01 7.61
N ARG C 44 -9.31 22.94 8.39
CA ARG C 44 -10.00 22.89 9.67
C ARG C 44 -9.40 23.84 10.70
N LEU C 45 -8.08 24.05 10.66
CA LEU C 45 -7.43 24.98 11.56
C LEU C 45 -7.65 26.43 11.20
N ARG C 46 -7.84 26.73 9.91
CA ARG C 46 -8.09 28.11 9.49
C ARG C 46 -9.56 28.50 9.68
N ARG C 47 -10.47 27.80 9.03
CA ARG C 47 -11.90 28.12 9.12
C ARG C 47 -12.56 27.36 10.26
N GLY C 48 -11.92 27.45 11.44
CA GLY C 48 -12.38 26.74 12.61
C GLY C 48 -11.33 26.66 13.68
N GLN C 49 -11.02 25.45 14.14
CA GLN C 49 -10.24 25.32 15.37
C GLN C 49 -9.43 24.03 15.33
N CYS C 50 -9.09 23.54 16.52
CA CYS C 50 -8.09 22.52 16.75
C CYS C 50 -8.68 21.13 16.95
N ARG D 1 18.55 -13.80 -35.64
CA ARG D 1 18.81 -14.48 -34.39
C ARG D 1 17.81 -14.03 -33.34
N ASP D 2 17.12 -14.99 -32.72
CA ASP D 2 16.08 -14.58 -31.79
C ASP D 2 16.61 -14.27 -30.40
N LEU D 3 17.82 -14.72 -30.04
CA LEU D 3 18.42 -14.18 -28.82
C LEU D 3 18.72 -12.70 -29.00
N GLU D 4 19.21 -12.31 -30.18
CA GLU D 4 19.40 -10.89 -30.49
C GLU D 4 18.08 -10.13 -30.44
N ALA D 5 16.98 -10.75 -30.90
CA ALA D 5 15.67 -10.13 -30.79
C ALA D 5 15.26 -9.99 -29.33
N ALA D 6 15.38 -11.06 -28.55
CA ALA D 6 14.94 -11.01 -27.16
C ALA D 6 15.75 -9.99 -26.37
N TYR D 7 17.06 -9.90 -26.64
CA TYR D 7 17.91 -8.92 -25.97
C TYR D 7 17.46 -7.50 -26.30
N ASN D 8 17.21 -7.23 -27.58
CA ASN D 8 16.84 -5.88 -28.00
C ASN D 8 15.48 -5.48 -27.42
N ASN D 9 14.54 -6.42 -27.38
CA ASN D 9 13.28 -6.15 -26.69
C ASN D 9 13.53 -5.76 -25.24
N LEU D 10 14.40 -6.51 -24.57
CA LEU D 10 14.72 -6.23 -23.18
C LEU D 10 15.31 -4.83 -23.02
N LEU D 11 16.19 -4.44 -23.94
CA LEU D 11 16.75 -3.08 -23.91
C LEU D 11 15.64 -2.04 -23.93
N ARG D 12 14.72 -2.11 -24.90
CA ARG D 12 13.69 -1.07 -25.01
C ARG D 12 12.79 -1.07 -23.80
N ASP D 13 12.43 -2.25 -23.28
CA ASP D 13 11.60 -2.31 -22.08
C ASP D 13 12.32 -1.71 -20.89
N LYS D 14 13.62 -1.89 -20.82
CA LYS D 14 14.39 -1.27 -19.74
C LYS D 14 14.41 0.25 -19.87
N SER D 15 14.75 0.77 -21.04
CA SER D 15 14.75 2.21 -21.25
C SER D 15 13.40 2.82 -20.89
N ALA D 16 12.29 2.17 -21.26
CA ALA D 16 10.98 2.71 -20.93
C ALA D 16 10.71 2.65 -19.42
N LEU D 17 11.09 1.54 -18.79
CA LEU D 17 10.95 1.40 -17.33
C LEU D 17 11.78 2.43 -16.58
N GLU D 18 12.96 2.77 -17.10
CA GLU D 18 13.78 3.76 -16.41
C GLU D 18 13.16 5.15 -16.52
N GLU D 19 12.50 5.47 -17.63
CA GLU D 19 11.78 6.74 -17.72
C GLU D 19 10.56 6.75 -16.80
N GLU D 20 9.86 5.61 -16.68
CA GLU D 20 8.75 5.54 -15.74
C GLU D 20 9.24 5.75 -14.30
N LYS D 21 10.39 5.16 -13.97
CA LYS D 21 10.92 5.27 -12.60
C LYS D 21 11.33 6.70 -12.26
N ARG D 22 12.05 7.36 -13.16
CA ARG D 22 12.42 8.75 -12.91
C ARG D 22 11.19 9.62 -12.73
N GLN D 23 10.15 9.37 -13.51
CA GLN D 23 8.93 10.15 -13.35
C GLN D 23 8.31 9.90 -11.98
N LEU D 24 8.29 8.64 -11.54
CA LEU D 24 7.77 8.32 -10.22
C LEU D 24 8.61 8.97 -9.12
N GLU D 25 9.92 9.04 -9.33
CA GLU D 25 10.81 9.67 -8.35
C GLU D 25 10.56 11.17 -8.28
N GLN D 26 10.40 11.83 -9.43
CA GLN D 26 10.07 13.25 -9.43
C GLN D 26 8.76 13.50 -8.69
N GLU D 27 7.75 12.65 -8.94
CA GLU D 27 6.46 12.81 -8.27
C GLU D 27 6.56 12.53 -6.78
N ASN D 28 7.31 11.49 -6.40
CA ASN D 28 7.58 11.22 -5.00
C ASN D 28 8.18 12.44 -4.30
N GLU D 29 9.15 13.11 -4.94
CA GLU D 29 9.79 14.25 -4.30
C GLU D 29 8.81 15.42 -4.15
N ASP D 30 8.04 15.72 -5.19
CA ASP D 30 7.09 16.82 -5.11
C ASP D 30 6.04 16.58 -4.04
N LEU D 31 5.50 15.37 -3.99
CA LEU D 31 4.57 15.00 -2.92
C LEU D 31 5.22 15.11 -1.55
N ALA D 32 6.45 14.61 -1.40
CA ALA D 32 7.11 14.69 -0.10
C ALA D 32 7.30 16.14 0.32
N ARG D 33 7.73 16.99 -0.61
CA ARG D 33 7.96 18.40 -0.26
C ARG D 33 6.64 19.07 0.13
N ARG D 34 5.55 18.75 -0.56
CA ARG D 34 4.27 19.37 -0.28
C ARG D 34 3.69 18.88 1.05
N LEU D 35 3.88 17.59 1.35
CA LEU D 35 3.45 17.07 2.63
C LEU D 35 4.22 17.74 3.78
N GLU D 36 5.52 17.90 3.63
CA GLU D 36 6.32 18.62 4.63
C GLU D 36 5.84 20.04 4.82
N SER D 37 5.58 20.75 3.72
CA SER D 37 5.08 22.11 3.81
C SER D 37 3.75 22.16 4.55
N SER D 38 2.86 21.21 4.26
CA SER D 38 1.55 21.15 4.92
C SER D 38 1.68 20.81 6.39
N SER D 39 2.57 19.88 6.73
CA SER D 39 2.78 19.54 8.13
C SER D 39 3.32 20.72 8.92
N GLU D 40 4.25 21.48 8.33
CA GLU D 40 4.81 22.63 9.03
C GLU D 40 3.75 23.71 9.23
N GLU D 41 2.83 23.84 8.27
CA GLU D 41 1.70 24.75 8.43
C GLU D 41 0.78 24.31 9.56
N VAL D 42 0.43 23.02 9.59
CA VAL D 42 -0.37 22.50 10.70
C VAL D 42 0.32 22.80 12.03
N THR D 43 1.64 22.59 12.09
CA THR D 43 2.38 22.85 13.32
C THR D 43 2.31 24.33 13.72
N ARG D 44 2.51 25.23 12.76
CA ARG D 44 2.46 26.65 13.08
C ARG D 44 1.08 27.05 13.58
N LEU D 45 0.03 26.58 12.90
CA LEU D 45 -1.33 26.93 13.30
C LEU D 45 -1.67 26.37 14.68
N ARG D 46 -1.22 25.14 14.96
CA ARG D 46 -1.42 24.53 16.28
C ARG D 46 -0.68 25.31 17.36
N ARG D 47 0.59 25.64 17.09
CA ARG D 47 1.40 26.44 18.02
C ARG D 47 0.77 27.80 18.28
N GLY D 48 0.22 28.42 17.23
CA GLY D 48 -0.35 29.74 17.42
C GLY D 48 -1.75 29.75 17.98
N GLN D 49 -2.55 28.74 17.65
CA GLN D 49 -3.98 28.75 17.94
C GLN D 49 -4.45 27.69 18.93
N CYS D 50 -3.64 26.67 19.23
CA CYS D 50 -4.09 25.61 20.13
C CYS D 50 -3.31 25.60 21.44
#